data_8Z08
#
_entry.id   8Z08
#
_cell.length_a   162.140
_cell.length_b   65.860
_cell.length_c   49.990
_cell.angle_alpha   90.000
_cell.angle_beta   90.380
_cell.angle_gamma   90.000
#
_symmetry.space_group_name_H-M   'C 1 2 1'
#
loop_
_entity.id
_entity.type
_entity.pdbx_description
1 polymer 'MHC class I antigen'
2 polymer Beta-2-microglobulin
3 polymer ASN-TYR-ASN-TYR-GLN-TYR-ARG-LEU-PHE
4 water water
#
loop_
_entity_poly.entity_id
_entity_poly.type
_entity_poly.pdbx_seq_one_letter_code
_entity_poly.pdbx_strand_id
1 'polypeptide(L)'
;GSHSMRYFSTSVSRPGRGEPRFIAVGYVDDTQFVRFDSDAASQRMEPRAPWIEQEGPEYWDEETGKVKAHSQTDRENLRI
ALRYYNQSEAGSHTLQMMFGCDVGSDGRFLRGYHQYAYDGKDYIALKEDLRSWTAADMAAQITKRKWEAAHVAEQQRAYL
EGTCVDGLRRYLENGKETLQRTDPPKTHMTHHPISDHEATLRCWALGFYPAEITLTWQRDGEDQTQDTELVETRPAGDGT
FQKWAAVVVPSGEEQRYTCHVQHEGLPKPLTLRW
;
C
2 'polypeptide(L)'
;MIQRTPKIQVYSRHPAENGKSNFLNCYVSGFHPSDIEVDLLKNGERIEKVEHSDLSFSKDWSFYLLYYTEFTPTEKDEYA
CRVNHVTLSQPKIVKWDRDM
;
D
3 'polypeptide(L)' NYNYQYRLF F
#
# COMPACT_ATOMS: atom_id res chain seq x y z
N GLY A 1 15.27 15.96 -0.88
CA GLY A 1 14.91 14.63 -0.42
C GLY A 1 14.99 13.59 -1.53
N SER A 2 15.11 12.32 -1.16
CA SER A 2 15.09 11.26 -2.15
C SER A 2 13.65 10.92 -2.54
N HIS A 3 13.47 10.41 -3.74
CA HIS A 3 12.14 10.09 -4.25
C HIS A 3 12.18 8.76 -4.97
N SER A 4 11.00 8.19 -5.14
CA SER A 4 10.88 6.89 -5.77
C SER A 4 9.66 6.89 -6.69
N MET A 5 9.73 6.04 -7.71
CA MET A 5 8.58 5.74 -8.54
C MET A 5 8.44 4.23 -8.52
N ARG A 6 7.21 3.74 -8.39
CA ARG A 6 6.97 2.31 -8.44
C ARG A 6 5.75 2.01 -9.29
N TYR A 7 5.79 0.88 -9.96
CA TYR A 7 4.59 0.28 -10.52
C TYR A 7 4.38 -1.08 -9.86
N PHE A 8 3.17 -1.33 -9.40
CA PHE A 8 2.80 -2.56 -8.72
C PHE A 8 1.72 -3.22 -9.56
N SER A 9 1.97 -4.44 -10.02
CA SER A 9 1.00 -5.12 -10.85
C SER A 9 0.65 -6.47 -10.24
N THR A 10 -0.61 -6.88 -10.38
CA THR A 10 -1.11 -8.14 -9.84
C THR A 10 -1.90 -8.87 -10.90
N SER A 11 -1.52 -10.10 -11.22
CA SER A 11 -2.30 -10.99 -12.09
C SER A 11 -2.82 -12.14 -11.26
N VAL A 12 -4.12 -12.38 -11.34
CA VAL A 12 -4.78 -13.42 -10.55
C VAL A 12 -5.53 -14.31 -11.51
N SER A 13 -5.12 -15.57 -11.61
CA SER A 13 -5.85 -16.51 -12.44
C SER A 13 -7.13 -16.92 -11.72
N ARG A 14 -8.17 -17.16 -12.51
CA ARG A 14 -9.48 -17.56 -11.98
C ARG A 14 -10.03 -18.63 -12.91
N PRO A 15 -9.54 -19.85 -12.77
CA PRO A 15 -9.89 -20.91 -13.73
C PRO A 15 -11.38 -21.17 -13.77
N GLY A 16 -11.92 -21.32 -14.99
CA GLY A 16 -13.34 -21.49 -15.18
C GLY A 16 -14.13 -20.21 -15.18
N ARG A 17 -13.50 -19.07 -14.89
CA ARG A 17 -14.17 -17.76 -14.84
C ARG A 17 -13.44 -16.78 -15.74
N GLY A 18 -13.04 -17.21 -16.93
CA GLY A 18 -12.37 -16.34 -17.88
C GLY A 18 -10.88 -16.30 -17.69
N GLU A 19 -10.27 -15.23 -18.21
CA GLU A 19 -8.83 -15.04 -18.16
C GLU A 19 -8.45 -14.32 -16.87
N PRO A 20 -7.15 -14.32 -16.52
CA PRO A 20 -6.75 -13.68 -15.26
C PRO A 20 -7.03 -12.18 -15.26
N ARG A 21 -7.44 -11.69 -14.10
CA ARG A 21 -7.59 -10.26 -13.85
C ARG A 21 -6.20 -9.64 -13.66
N PHE A 22 -5.91 -8.55 -14.37
CA PHE A 22 -4.65 -7.83 -14.23
C PHE A 22 -4.96 -6.42 -13.75
N ILE A 23 -4.30 -6.01 -12.67
CA ILE A 23 -4.40 -4.65 -12.14
C ILE A 23 -2.98 -4.14 -11.99
N ALA A 24 -2.75 -2.92 -12.46
CA ALA A 24 -1.48 -2.24 -12.22
C ALA A 24 -1.78 -0.83 -11.73
N VAL A 25 -0.91 -0.34 -10.85
CA VAL A 25 -1.03 1.00 -10.29
C VAL A 25 0.35 1.62 -10.28
N GLY A 26 0.40 2.94 -10.43
CA GLY A 26 1.66 3.67 -10.39
C GLY A 26 1.70 4.67 -9.25
N TYR A 27 2.85 4.73 -8.59
CA TYR A 27 3.09 5.59 -7.45
C TYR A 27 4.32 6.43 -7.67
N VAL A 28 4.25 7.71 -7.31
CA VAL A 28 5.44 8.49 -6.99
C VAL A 28 5.44 8.66 -5.47
N ASP A 29 6.51 8.22 -4.82
CA ASP A 29 6.55 8.18 -3.37
C ASP A 29 5.26 7.57 -2.84
N ASP A 30 4.53 8.26 -1.98
CA ASP A 30 3.31 7.71 -1.38
C ASP A 30 2.04 8.15 -2.10
N THR A 31 2.15 8.65 -3.34
CA THR A 31 1.01 9.22 -4.06
C THR A 31 0.74 8.38 -5.30
N GLN A 32 -0.44 7.78 -5.38
CA GLN A 32 -0.79 7.07 -6.61
C GLN A 32 -1.10 8.06 -7.73
N PHE A 33 -0.71 7.72 -8.97
CA PHE A 33 -1.02 8.62 -10.10
C PHE A 33 -1.66 7.97 -11.32
N VAL A 34 -1.56 6.66 -11.51
CA VAL A 34 -2.26 5.98 -12.59
C VAL A 34 -2.77 4.63 -12.11
N ARG A 35 -3.63 4.04 -12.93
CA ARG A 35 -4.06 2.67 -12.72
C ARG A 35 -4.49 2.08 -14.05
N PHE A 36 -4.45 0.76 -14.11
CA PHE A 36 -4.98 -0.04 -15.19
C PHE A 36 -5.68 -1.25 -14.60
N ASP A 37 -6.85 -1.57 -15.12
CA ASP A 37 -7.63 -2.71 -14.65
C ASP A 37 -8.17 -3.44 -15.86
N SER A 38 -7.67 -4.66 -16.09
CA SER A 38 -8.07 -5.45 -17.24
C SER A 38 -9.57 -5.71 -17.27
N ASP A 39 -10.23 -5.69 -16.11
CA ASP A 39 -11.67 -5.91 -16.07
C ASP A 39 -12.46 -4.65 -16.41
N ALA A 40 -11.89 -3.47 -16.21
CA ALA A 40 -12.63 -2.23 -16.45
C ALA A 40 -12.98 -2.10 -17.94
N ALA A 41 -14.00 -1.28 -18.21
CA ALA A 41 -14.51 -1.19 -19.58
C ALA A 41 -13.56 -0.44 -20.51
N SER A 42 -12.87 0.59 -20.00
CA SER A 42 -12.14 1.50 -20.89
C SER A 42 -10.95 0.84 -21.56
N GLN A 43 -10.29 -0.12 -20.89
CA GLN A 43 -9.04 -0.71 -21.37
C GLN A 43 -7.97 0.37 -21.60
N ARG A 44 -7.93 1.36 -20.70
CA ARG A 44 -6.98 2.46 -20.79
C ARG A 44 -6.23 2.63 -19.48
N MET A 45 -4.96 3.00 -19.58
CA MET A 45 -4.30 3.59 -18.41
C MET A 45 -5.06 4.85 -18.03
N GLU A 46 -5.44 4.96 -16.76
CA GLU A 46 -6.27 6.08 -16.37
C GLU A 46 -5.58 6.90 -15.29
N PRO A 47 -5.81 8.21 -15.28
CA PRO A 47 -5.17 9.07 -14.28
C PRO A 47 -5.84 8.91 -12.92
N ARG A 48 -5.02 9.03 -11.87
CA ARG A 48 -5.51 8.99 -10.49
C ARG A 48 -4.95 10.12 -9.63
N ALA A 49 -4.26 11.09 -10.22
CA ALA A 49 -3.72 12.26 -9.55
C ALA A 49 -3.88 13.43 -10.50
N PRO A 50 -4.29 14.60 -9.98
CA PRO A 50 -4.59 15.73 -10.89
C PRO A 50 -3.40 16.15 -11.75
N TRP A 51 -2.17 16.05 -11.26
CA TRP A 51 -1.02 16.57 -12.00
C TRP A 51 -0.61 15.69 -13.18
N ILE A 52 -1.08 14.44 -13.24
CA ILE A 52 -0.78 13.59 -14.40
C ILE A 52 -1.73 13.87 -15.56
N GLU A 53 -2.85 14.54 -15.31
CA GLU A 53 -3.84 14.77 -16.35
C GLU A 53 -3.31 15.67 -17.47
N GLN A 54 -2.34 16.52 -17.15
CA GLN A 54 -1.72 17.41 -18.12
C GLN A 54 -0.80 16.69 -19.10
N GLU A 55 -0.68 15.36 -19.03
CA GLU A 55 0.05 14.62 -20.04
C GLU A 55 -0.83 14.47 -21.29
N GLY A 56 -0.22 14.69 -22.46
CA GLY A 56 -0.97 14.72 -23.69
C GLY A 56 -1.43 13.34 -24.13
N PRO A 57 -2.16 13.30 -25.25
CA PRO A 57 -2.73 12.02 -25.72
C PRO A 57 -1.70 10.97 -26.11
N GLU A 58 -0.52 11.35 -26.61
CA GLU A 58 0.49 10.35 -26.93
C GLU A 58 0.90 9.58 -25.68
N TYR A 59 0.98 10.27 -24.53
CA TYR A 59 1.27 9.61 -23.26
C TYR A 59 0.22 8.54 -22.93
N TRP A 60 -1.06 8.90 -22.99
CA TRP A 60 -2.07 7.92 -22.58
C TRP A 60 -2.11 6.73 -23.54
N ASP A 61 -1.92 6.97 -24.84
CA ASP A 61 -1.85 5.88 -25.81
C ASP A 61 -0.67 4.97 -25.53
N GLU A 62 0.51 5.56 -25.36
CA GLU A 62 1.70 4.74 -25.17
C GLU A 62 1.66 4.00 -23.84
N GLU A 63 1.28 4.67 -22.75
CA GLU A 63 1.24 3.98 -21.47
C GLU A 63 0.21 2.86 -21.50
N THR A 64 -0.95 3.12 -22.12
CA THR A 64 -1.92 2.05 -22.28
C THR A 64 -1.32 0.87 -23.04
N GLY A 65 -0.60 1.15 -24.13
CA GLY A 65 0.02 0.07 -24.89
C GLY A 65 0.98 -0.76 -24.04
N LYS A 66 1.81 -0.08 -23.25
CA LYS A 66 2.78 -0.79 -22.42
C LYS A 66 2.09 -1.67 -21.38
N VAL A 67 1.10 -1.13 -20.67
CA VAL A 67 0.53 -1.89 -19.56
C VAL A 67 -0.26 -3.08 -20.10
N LYS A 68 -0.92 -2.93 -21.25
CA LYS A 68 -1.64 -4.05 -21.86
C LYS A 68 -0.69 -5.15 -22.31
N ALA A 69 0.47 -4.78 -22.87
CA ALA A 69 1.49 -5.78 -23.18
C ALA A 69 1.91 -6.53 -21.92
N HIS A 70 2.18 -5.80 -20.84
CA HIS A 70 2.53 -6.47 -19.58
C HIS A 70 1.44 -7.43 -19.15
N SER A 71 0.16 -7.02 -19.25
CA SER A 71 -0.92 -7.93 -18.84
C SER A 71 -0.89 -9.22 -19.63
N GLN A 72 -0.58 -9.14 -20.93
CA GLN A 72 -0.48 -10.34 -21.77
C GLN A 72 0.72 -11.18 -21.35
N THR A 73 1.86 -10.54 -21.12
CA THR A 73 3.05 -11.26 -20.71
C THR A 73 2.85 -12.01 -19.41
N ASP A 74 2.25 -11.35 -18.41
CA ASP A 74 2.15 -12.00 -17.12
C ASP A 74 1.04 -13.04 -17.12
N ARG A 75 0.09 -12.94 -18.06
CA ARG A 75 -0.84 -14.03 -18.28
C ARG A 75 -0.10 -15.30 -18.66
N GLU A 76 0.79 -15.20 -19.63
CA GLU A 76 1.58 -16.36 -20.03
C GLU A 76 2.49 -16.83 -18.89
N ASN A 77 3.09 -15.90 -18.14
CA ASN A 77 3.96 -16.28 -17.03
C ASN A 77 3.21 -17.04 -15.95
N LEU A 78 1.95 -16.70 -15.71
CA LEU A 78 1.15 -17.51 -14.80
C LEU A 78 1.09 -18.96 -15.26
N ARG A 79 0.97 -19.18 -16.57
CA ARG A 79 0.89 -20.54 -17.10
C ARG A 79 2.23 -21.25 -17.00
N ILE A 80 3.33 -20.53 -17.19
CA ILE A 80 4.65 -21.14 -17.07
C ILE A 80 4.94 -21.52 -15.63
N ALA A 81 4.66 -20.60 -14.70
CA ALA A 81 4.86 -20.88 -13.28
C ALA A 81 4.04 -22.09 -12.86
N LEU A 82 2.81 -22.19 -13.36
CA LEU A 82 1.98 -23.36 -13.11
C LEU A 82 2.72 -24.64 -13.48
N ARG A 83 3.37 -24.64 -14.63
CA ARG A 83 4.11 -25.83 -15.06
C ARG A 83 5.38 -26.03 -14.23
N TYR A 84 6.12 -24.96 -13.94
CA TYR A 84 7.35 -25.09 -13.15
C TYR A 84 7.08 -25.67 -11.77
N TYR A 85 5.96 -25.31 -11.15
CA TYR A 85 5.63 -25.78 -9.81
C TYR A 85 4.80 -27.05 -9.81
N ASN A 86 4.53 -27.62 -10.98
CA ASN A 86 3.72 -28.82 -11.13
C ASN A 86 2.38 -28.68 -10.40
N GLN A 87 1.66 -27.62 -10.76
CA GLN A 87 0.39 -27.33 -10.12
C GLN A 87 -0.75 -27.54 -11.11
N SER A 88 -1.90 -27.96 -10.59
CA SER A 88 -3.06 -28.22 -11.42
C SER A 88 -3.64 -26.92 -11.98
N GLU A 89 -4.37 -27.06 -13.08
CA GLU A 89 -5.09 -25.93 -13.67
C GLU A 89 -6.40 -25.63 -12.96
N ALA A 90 -6.63 -26.22 -11.79
CA ALA A 90 -7.89 -26.00 -11.07
C ALA A 90 -7.84 -24.76 -10.19
N GLY A 91 -6.67 -24.47 -9.59
CA GLY A 91 -6.61 -23.46 -8.56
C GLY A 91 -6.31 -22.07 -9.07
N SER A 92 -6.57 -21.10 -8.20
CA SER A 92 -6.34 -19.70 -8.49
C SER A 92 -4.96 -19.30 -7.98
N HIS A 93 -4.18 -18.64 -8.84
CA HIS A 93 -2.81 -18.29 -8.50
C HIS A 93 -2.54 -16.83 -8.83
N THR A 94 -1.51 -16.29 -8.20
CA THR A 94 -1.24 -14.86 -8.19
C THR A 94 0.19 -14.62 -8.63
N LEU A 95 0.37 -13.73 -9.60
CA LEU A 95 1.70 -13.26 -9.97
C LEU A 95 1.75 -11.75 -9.76
N GLN A 96 2.65 -11.31 -8.92
CA GLN A 96 2.84 -9.91 -8.63
C GLN A 96 4.16 -9.45 -9.23
N MET A 97 4.19 -8.21 -9.70
CA MET A 97 5.44 -7.65 -10.19
C MET A 97 5.57 -6.23 -9.68
N MET A 98 6.79 -5.86 -9.34
CA MET A 98 7.10 -4.50 -8.95
C MET A 98 8.30 -4.07 -9.77
N PHE A 99 8.30 -2.82 -10.22
CA PHE A 99 9.48 -2.24 -10.85
C PHE A 99 9.44 -0.74 -10.64
N GLY A 100 10.59 -0.10 -10.85
CA GLY A 100 10.68 1.33 -10.64
C GLY A 100 12.09 1.72 -10.27
N CYS A 101 12.24 2.94 -9.73
CA CYS A 101 13.58 3.43 -9.44
C CYS A 101 13.52 4.38 -8.25
N ASP A 102 14.66 4.58 -7.62
CA ASP A 102 14.84 5.60 -6.59
C ASP A 102 15.84 6.61 -7.11
N VAL A 103 15.61 7.89 -6.80
CA VAL A 103 16.57 8.92 -7.12
C VAL A 103 16.91 9.68 -5.83
N GLY A 104 18.10 10.29 -5.84
CA GLY A 104 18.54 11.08 -4.71
C GLY A 104 18.01 12.49 -4.78
N SER A 105 18.42 13.29 -3.79
CA SER A 105 18.03 14.70 -3.74
C SER A 105 18.31 15.42 -5.06
N ASP A 106 19.42 15.08 -5.70
CA ASP A 106 19.85 15.73 -6.94
C ASP A 106 19.14 15.17 -8.18
N GLY A 107 18.19 14.26 -8.00
CA GLY A 107 17.48 13.68 -9.13
C GLY A 107 18.20 12.53 -9.82
N ARG A 108 19.39 12.16 -9.35
CA ARG A 108 20.21 11.14 -9.99
C ARG A 108 19.83 9.75 -9.53
N PHE A 109 20.00 8.79 -10.44
CA PHE A 109 19.71 7.38 -10.17
C PHE A 109 20.39 6.88 -8.90
N LEU A 110 19.63 6.16 -8.07
CA LEU A 110 20.16 5.43 -6.91
C LEU A 110 19.96 3.93 -7.00
N ARG A 111 18.77 3.47 -7.40
CA ARG A 111 18.42 2.06 -7.39
C ARG A 111 17.35 1.83 -8.45
N GLY A 112 17.35 0.65 -9.03
CA GLY A 112 16.28 0.24 -9.91
C GLY A 112 15.78 -1.13 -9.44
N TYR A 113 14.49 -1.35 -9.62
CA TYR A 113 13.87 -2.58 -9.16
C TYR A 113 13.12 -3.23 -10.30
N HIS A 114 13.11 -4.57 -10.29
CA HIS A 114 12.45 -5.34 -11.33
C HIS A 114 12.27 -6.73 -10.74
N GLN A 115 11.08 -7.02 -10.19
CA GLN A 115 10.99 -8.21 -9.35
C GLN A 115 9.58 -8.76 -9.27
N TYR A 116 9.50 -10.07 -9.01
CA TYR A 116 8.25 -10.84 -9.07
C TYR A 116 8.01 -11.66 -7.79
N ALA A 117 6.75 -11.87 -7.50
CA ALA A 117 6.34 -12.84 -6.49
C ALA A 117 5.25 -13.71 -7.10
N TYR A 118 5.29 -15.00 -6.80
CA TYR A 118 4.28 -15.96 -7.21
C TYR A 118 3.59 -16.50 -5.95
N ASP A 119 2.26 -16.43 -5.93
CA ASP A 119 1.46 -16.91 -4.78
C ASP A 119 1.98 -16.33 -3.47
N GLY A 120 2.40 -15.07 -3.51
CA GLY A 120 2.71 -14.31 -2.31
C GLY A 120 4.11 -14.46 -1.77
N LYS A 121 4.99 -15.20 -2.47
CA LYS A 121 6.37 -15.38 -2.03
C LYS A 121 7.30 -14.96 -3.17
N ASP A 122 8.47 -14.43 -2.80
CA ASP A 122 9.52 -14.10 -3.76
C ASP A 122 9.59 -15.15 -4.86
N TYR A 123 9.68 -14.67 -6.11
CA TYR A 123 10.00 -15.55 -7.21
C TYR A 123 11.42 -15.23 -7.70
N ILE A 124 11.56 -14.13 -8.44
CA ILE A 124 12.86 -13.70 -8.95
C ILE A 124 12.91 -12.17 -8.87
N ALA A 125 14.10 -11.66 -8.59
CA ALA A 125 14.28 -10.23 -8.38
C ALA A 125 15.62 -9.80 -8.98
N LEU A 126 15.63 -8.65 -9.65
CA LEU A 126 16.85 -8.09 -10.18
C LEU A 126 17.67 -7.50 -9.04
N LYS A 127 18.94 -7.91 -8.96
CA LYS A 127 19.78 -7.48 -7.86
C LYS A 127 20.30 -6.07 -8.11
N GLU A 128 20.95 -5.52 -7.08
CA GLU A 128 21.40 -4.14 -7.10
C GLU A 128 22.34 -3.86 -8.27
N ASP A 129 23.18 -4.83 -8.66
CA ASP A 129 24.13 -4.58 -9.74
C ASP A 129 23.47 -4.44 -11.11
N LEU A 130 22.16 -4.70 -11.23
CA LEU A 130 21.45 -4.67 -12.50
C LEU A 130 22.06 -5.61 -13.53
N ARG A 131 22.81 -6.63 -13.09
CA ARG A 131 23.33 -7.67 -13.98
C ARG A 131 22.92 -9.07 -13.60
N SER A 132 22.44 -9.30 -12.37
CA SER A 132 22.20 -10.65 -11.89
C SER A 132 20.84 -10.71 -11.20
N TRP A 133 20.38 -11.93 -10.96
CA TRP A 133 19.07 -12.19 -10.37
C TRP A 133 19.20 -12.95 -9.06
N THR A 134 18.27 -12.71 -8.13
CA THR A 134 18.12 -13.60 -6.98
C THR A 134 16.82 -14.36 -7.16
N ALA A 135 16.95 -15.67 -7.32
CA ALA A 135 15.85 -16.61 -7.46
C ALA A 135 15.51 -17.22 -6.11
N ALA A 136 14.22 -17.37 -5.82
CA ALA A 136 13.82 -17.81 -4.48
C ALA A 136 13.92 -19.32 -4.29
N ASP A 137 13.77 -20.11 -5.34
CA ASP A 137 13.63 -21.56 -5.21
C ASP A 137 14.07 -22.20 -6.52
N MET A 138 13.88 -23.52 -6.63
CA MET A 138 14.35 -24.25 -7.81
C MET A 138 13.59 -23.83 -9.06
N ALA A 139 12.29 -23.54 -8.94
CA ALA A 139 11.52 -23.13 -10.11
C ALA A 139 11.99 -21.78 -10.63
N ALA A 140 12.24 -20.84 -9.72
CA ALA A 140 12.78 -19.54 -10.13
C ALA A 140 14.18 -19.66 -10.72
N GLN A 141 14.97 -20.65 -10.29
CA GLN A 141 16.31 -20.81 -10.86
C GLN A 141 16.23 -21.14 -12.35
N ILE A 142 15.21 -21.88 -12.78
CA ILE A 142 15.02 -22.12 -14.21
C ILE A 142 14.91 -20.80 -14.95
N THR A 143 14.04 -19.90 -14.47
CA THR A 143 13.90 -18.58 -15.08
C THR A 143 15.21 -17.81 -15.01
N LYS A 144 15.88 -17.85 -13.85
CA LYS A 144 17.13 -17.15 -13.66
C LYS A 144 18.17 -17.58 -14.70
N ARG A 145 18.31 -18.89 -14.92
CA ARG A 145 19.28 -19.36 -15.91
C ARG A 145 18.88 -18.91 -17.31
N LYS A 146 17.59 -18.94 -17.62
CA LYS A 146 17.11 -18.47 -18.90
C LYS A 146 17.41 -17.00 -19.10
N TRP A 147 17.13 -16.17 -18.08
CA TRP A 147 17.31 -14.73 -18.18
C TRP A 147 18.78 -14.31 -18.14
N GLU A 148 19.62 -15.05 -17.42
CA GLU A 148 21.05 -14.78 -17.50
C GLU A 148 21.58 -15.01 -18.90
N ALA A 149 21.22 -16.15 -19.52
CA ALA A 149 21.73 -16.47 -20.84
C ALA A 149 21.23 -15.47 -21.88
N ALA A 150 20.05 -14.88 -21.67
CA ALA A 150 19.50 -13.94 -22.63
C ALA A 150 19.83 -12.50 -22.28
N HIS A 151 20.55 -12.26 -21.19
CA HIS A 151 20.93 -10.91 -20.75
C HIS A 151 19.70 -10.02 -20.59
N VAL A 152 18.66 -10.57 -19.97
CA VAL A 152 17.47 -9.76 -19.69
C VAL A 152 17.83 -8.54 -18.85
N ALA A 153 18.63 -8.73 -17.80
CA ALA A 153 18.97 -7.64 -16.90
C ALA A 153 19.55 -6.43 -17.66
N GLU A 154 20.58 -6.68 -18.47
CA GLU A 154 21.19 -5.61 -19.26
C GLU A 154 20.16 -4.86 -20.10
N GLN A 155 19.18 -5.59 -20.63
CA GLN A 155 18.22 -4.98 -21.53
C GLN A 155 17.14 -4.21 -20.80
N GLN A 156 17.14 -4.25 -19.47
CA GLN A 156 16.24 -3.41 -18.72
C GLN A 156 16.94 -2.16 -18.18
N ARG A 157 18.25 -2.05 -18.34
CA ARG A 157 18.98 -0.94 -17.73
C ARG A 157 18.64 0.39 -18.38
N ALA A 158 18.37 0.42 -19.68
CA ALA A 158 18.02 1.69 -20.30
C ALA A 158 16.75 2.24 -19.65
N TYR A 159 15.77 1.39 -19.38
CA TYR A 159 14.57 1.85 -18.72
C TYR A 159 14.85 2.30 -17.29
N LEU A 160 15.52 1.44 -16.50
CA LEU A 160 15.64 1.70 -15.07
C LEU A 160 16.46 2.96 -14.79
N GLU A 161 17.57 3.13 -15.51
CA GLU A 161 18.45 4.27 -15.28
C GLU A 161 18.07 5.50 -16.07
N GLY A 162 17.23 5.34 -17.09
CA GLY A 162 16.96 6.42 -18.00
C GLY A 162 15.51 6.84 -17.97
N THR A 163 14.66 6.09 -18.66
CA THR A 163 13.24 6.43 -18.74
C THR A 163 12.64 6.60 -17.35
N CYS A 164 12.96 5.70 -16.43
CA CYS A 164 12.33 5.76 -15.11
C CYS A 164 12.78 7.01 -14.36
N VAL A 165 14.09 7.27 -14.34
CA VAL A 165 14.62 8.47 -13.70
C VAL A 165 14.03 9.73 -14.31
N ASP A 166 14.08 9.81 -15.66
CA ASP A 166 13.56 10.97 -16.39
C ASP A 166 12.09 11.21 -16.10
N GLY A 167 11.28 10.15 -16.19
CA GLY A 167 9.86 10.29 -15.89
C GLY A 167 9.62 10.77 -14.48
N LEU A 168 10.23 10.10 -13.49
CA LEU A 168 10.12 10.54 -12.10
C LEU A 168 10.49 12.00 -11.95
N ARG A 169 11.56 12.44 -12.63
CA ARG A 169 11.95 13.84 -12.55
C ARG A 169 10.87 14.75 -13.13
N ARG A 170 10.27 14.36 -14.26
CA ARG A 170 9.19 15.15 -14.84
C ARG A 170 7.99 15.22 -13.91
N TYR A 171 7.59 14.08 -13.34
CA TYR A 171 6.42 14.07 -12.46
C TYR A 171 6.64 14.93 -11.23
N LEU A 172 7.84 14.87 -10.65
CA LEU A 172 8.15 15.67 -9.46
C LEU A 172 8.07 17.16 -9.75
N GLU A 173 8.38 17.57 -10.98
CA GLU A 173 8.25 19.00 -11.30
C GLU A 173 6.80 19.36 -11.62
N ASN A 174 6.10 18.50 -12.37
CA ASN A 174 4.73 18.81 -12.75
C ASN A 174 3.79 18.73 -11.55
N GLY A 175 4.12 17.88 -10.57
CA GLY A 175 3.30 17.72 -9.38
C GLY A 175 3.96 18.32 -8.16
N LYS A 176 4.81 19.34 -8.40
CA LYS A 176 5.62 19.97 -7.36
C LYS A 176 4.81 20.29 -6.11
N GLU A 177 3.67 20.96 -6.27
CA GLU A 177 2.91 21.43 -5.11
C GLU A 177 2.34 20.28 -4.28
N THR A 178 2.20 19.09 -4.87
CA THR A 178 1.73 17.91 -4.19
C THR A 178 2.88 17.03 -3.72
N LEU A 179 3.77 16.65 -4.64
CA LEU A 179 4.78 15.62 -4.39
C LEU A 179 5.96 16.12 -3.57
N GLN A 180 6.30 17.40 -3.67
CA GLN A 180 7.41 17.95 -2.91
C GLN A 180 6.96 18.61 -1.63
N ARG A 181 5.66 18.62 -1.37
CA ARG A 181 5.20 19.14 -0.10
C ARG A 181 5.61 18.19 1.03
N THR A 182 5.64 18.74 2.22
CA THR A 182 5.88 17.95 3.42
C THR A 182 4.93 18.46 4.49
N ASP A 183 3.91 17.66 4.80
CA ASP A 183 2.90 18.06 5.78
C ASP A 183 3.24 17.41 7.10
N PRO A 184 3.59 18.16 8.14
CA PRO A 184 3.92 17.55 9.42
C PRO A 184 2.67 17.04 10.10
N PRO A 185 2.80 16.10 11.02
CA PRO A 185 1.61 15.57 11.71
C PRO A 185 0.97 16.61 12.60
N LYS A 186 -0.36 16.62 12.62
CA LYS A 186 -1.11 17.25 13.70
C LYS A 186 -1.28 16.20 14.80
N THR A 187 -0.79 16.49 16.00
CA THR A 187 -0.73 15.50 17.06
C THR A 187 -1.66 15.89 18.20
N HIS A 188 -2.17 14.88 18.90
CA HIS A 188 -2.87 15.08 20.15
C HIS A 188 -2.81 13.78 20.94
N MET A 189 -3.33 13.84 22.16
CA MET A 189 -3.33 12.71 23.06
C MET A 189 -4.73 12.47 23.60
N THR A 190 -5.03 11.21 23.85
CA THR A 190 -6.26 10.81 24.51
C THR A 190 -5.90 9.98 25.74
N HIS A 191 -6.84 9.94 26.67
CA HIS A 191 -6.56 9.37 27.98
C HIS A 191 -7.88 8.74 28.44
N HIS A 192 -7.87 7.42 28.61
CA HIS A 192 -9.10 6.73 29.03
C HIS A 192 -8.80 5.72 30.14
N PRO A 193 -9.34 5.91 31.35
CA PRO A 193 -9.16 4.88 32.38
C PRO A 193 -9.80 3.57 31.95
N ILE A 194 -9.10 2.46 32.17
CA ILE A 194 -9.65 1.14 31.90
C ILE A 194 -9.99 0.36 33.17
N SER A 195 -9.66 0.89 34.34
CA SER A 195 -10.04 0.35 35.64
C SER A 195 -9.69 1.44 36.65
N ASP A 196 -9.78 1.11 37.93
CA ASP A 196 -9.45 2.10 38.93
C ASP A 196 -7.95 2.20 39.18
N HIS A 197 -7.14 1.38 38.51
CA HIS A 197 -5.70 1.45 38.68
C HIS A 197 -4.93 1.64 37.36
N GLU A 198 -5.60 1.64 36.21
CA GLU A 198 -4.89 1.71 34.93
C GLU A 198 -5.63 2.65 33.98
N ALA A 199 -4.88 3.18 33.01
CA ALA A 199 -5.43 4.08 32.02
C ALA A 199 -4.65 3.95 30.71
N THR A 200 -5.35 4.12 29.60
CA THR A 200 -4.73 4.15 28.27
C THR A 200 -4.34 5.57 27.94
N LEU A 201 -3.11 5.74 27.46
CA LEU A 201 -2.69 6.97 26.81
C LEU A 201 -2.46 6.63 25.35
N ARG A 202 -3.07 7.39 24.46
CA ARG A 202 -2.96 7.16 23.03
C ARG A 202 -2.42 8.42 22.39
N CYS A 203 -1.31 8.29 21.68
CA CYS A 203 -0.67 9.40 21.01
C CYS A 203 -1.02 9.33 19.52
N TRP A 204 -1.54 10.42 18.97
CA TRP A 204 -2.09 10.46 17.63
C TRP A 204 -1.26 11.34 16.73
N ALA A 205 -0.97 10.85 15.52
CA ALA A 205 -0.39 11.65 14.44
C ALA A 205 -1.39 11.64 13.29
N LEU A 206 -1.82 12.82 12.86
CA LEU A 206 -2.82 12.94 11.81
C LEU A 206 -2.35 13.90 10.73
N GLY A 207 -2.83 13.66 9.51
CA GLY A 207 -2.71 14.60 8.42
C GLY A 207 -1.32 14.77 7.87
N PHE A 208 -0.47 13.76 7.96
CA PHE A 208 0.91 13.95 7.57
C PHE A 208 1.21 13.31 6.23
N TYR A 209 2.25 13.84 5.57
CA TYR A 209 2.75 13.35 4.29
C TYR A 209 4.23 13.72 4.27
N PRO A 210 5.12 12.80 3.88
CA PRO A 210 4.89 11.41 3.46
C PRO A 210 4.51 10.48 4.60
N ALA A 211 4.26 9.20 4.28
CA ALA A 211 3.74 8.26 5.26
C ALA A 211 4.77 7.86 6.31
N GLU A 212 6.06 7.95 5.98
CA GLU A 212 7.11 7.60 6.94
C GLU A 212 6.99 8.43 8.22
N ILE A 213 6.90 7.76 9.36
CA ILE A 213 6.81 8.45 10.64
C ILE A 213 7.22 7.48 11.73
N THR A 214 7.66 8.02 12.86
CA THR A 214 8.02 7.23 14.03
C THR A 214 7.31 7.79 15.24
N LEU A 215 6.52 6.94 15.91
CA LEU A 215 5.86 7.27 17.17
C LEU A 215 6.38 6.30 18.20
N THR A 216 6.97 6.83 19.28
CA THR A 216 7.48 5.97 20.33
C THR A 216 7.10 6.54 21.69
N TRP A 217 6.74 5.65 22.61
CA TRP A 217 6.48 6.01 23.99
C TRP A 217 7.70 5.71 24.84
N GLN A 218 8.03 6.64 25.73
CA GLN A 218 9.07 6.42 26.73
C GLN A 218 8.47 6.58 28.12
N ARG A 219 9.05 5.90 29.09
CA ARG A 219 8.70 6.05 30.50
C ARG A 219 9.96 6.44 31.23
N ASP A 220 9.96 7.63 31.84
CA ASP A 220 11.13 8.14 32.54
C ASP A 220 12.36 8.07 31.64
N GLY A 221 12.17 8.39 30.36
CA GLY A 221 13.26 8.42 29.39
C GLY A 221 13.66 7.09 28.78
N GLU A 222 12.93 6.01 29.05
CA GLU A 222 13.28 4.68 28.55
C GLU A 222 12.20 4.16 27.61
N ASP A 223 12.62 3.66 26.44
CA ASP A 223 11.69 3.21 25.41
C ASP A 223 10.78 2.09 25.91
N GLN A 224 9.49 2.20 25.64
CA GLN A 224 8.51 1.19 26.06
C GLN A 224 8.09 0.28 24.91
N THR A 225 9.07 -0.28 24.19
CA THR A 225 8.79 -1.01 22.96
C THR A 225 7.80 -2.16 23.19
N GLN A 226 8.12 -3.06 24.12
CA GLN A 226 7.34 -4.28 24.27
C GLN A 226 5.92 -4.02 24.76
N ASP A 227 5.64 -2.86 25.36
CA ASP A 227 4.31 -2.60 25.91
C ASP A 227 3.50 -1.60 25.08
N THR A 228 4.04 -1.09 23.98
CA THR A 228 3.32 -0.13 23.15
C THR A 228 2.45 -0.87 22.13
N GLU A 229 1.20 -0.46 22.02
CA GLU A 229 0.33 -0.91 20.94
C GLU A 229 0.42 0.11 19.80
N LEU A 230 0.89 -0.34 18.64
CA LEU A 230 1.24 0.54 17.54
C LEU A 230 0.57 0.04 16.26
N VAL A 231 -0.37 0.84 15.71
CA VAL A 231 -1.09 0.43 14.50
C VAL A 231 -0.29 0.84 13.26
N GLU A 232 -0.51 0.10 12.18
CA GLU A 232 0.16 0.42 10.92
C GLU A 232 -0.31 1.76 10.41
N THR A 233 0.62 2.54 9.88
CA THR A 233 0.26 3.82 9.27
C THR A 233 -0.86 3.59 8.26
N ARG A 234 -1.84 4.48 8.25
CA ARG A 234 -3.04 4.22 7.44
C ARG A 234 -3.45 5.46 6.67
N PRO A 235 -4.03 5.28 5.49
CA PRO A 235 -4.40 6.45 4.69
C PRO A 235 -5.66 7.09 5.23
N ALA A 236 -5.63 8.42 5.31
CA ALA A 236 -6.84 9.17 5.66
C ALA A 236 -7.86 9.12 4.53
N GLY A 237 -7.40 8.95 3.29
CA GLY A 237 -8.26 9.02 2.12
C GLY A 237 -8.13 10.30 1.33
N ASP A 238 -7.60 11.36 1.93
CA ASP A 238 -7.35 12.63 1.24
C ASP A 238 -5.90 12.78 0.78
N GLY A 239 -5.12 11.70 0.78
CA GLY A 239 -3.71 11.80 0.42
C GLY A 239 -2.77 12.03 1.58
N THR A 240 -3.26 12.16 2.81
CA THR A 240 -2.42 12.20 3.99
C THR A 240 -2.53 10.88 4.75
N PHE A 241 -1.78 10.77 5.83
CA PHE A 241 -1.70 9.51 6.55
C PHE A 241 -1.93 9.73 8.05
N GLN A 242 -2.18 8.63 8.75
CA GLN A 242 -2.51 8.63 10.16
C GLN A 242 -1.79 7.49 10.85
N LYS A 243 -1.53 7.68 12.15
CA LYS A 243 -0.96 6.63 12.97
C LYS A 243 -1.23 6.96 14.43
N TRP A 244 -1.34 5.92 15.24
CA TRP A 244 -1.30 6.15 16.69
C TRP A 244 -0.54 5.03 17.40
N ALA A 245 -0.16 5.34 18.65
CA ALA A 245 0.57 4.46 19.54
C ALA A 245 -0.05 4.62 20.91
N ALA A 246 -0.35 3.52 21.56
CA ALA A 246 -0.98 3.56 22.87
C ALA A 246 -0.13 2.80 23.87
N VAL A 247 -0.18 3.25 25.13
CA VAL A 247 0.40 2.51 26.26
C VAL A 247 -0.61 2.48 27.39
N VAL A 248 -0.64 1.37 28.12
CA VAL A 248 -1.46 1.23 29.31
C VAL A 248 -0.60 1.58 30.52
N VAL A 249 -1.09 2.51 31.33
CA VAL A 249 -0.30 3.25 32.31
C VAL A 249 -0.98 3.10 33.66
N PRO A 250 -0.23 2.96 34.77
CA PRO A 250 -0.90 2.97 36.10
C PRO A 250 -1.41 4.37 36.39
N SER A 251 -2.64 4.45 36.90
CA SER A 251 -3.25 5.77 37.07
C SER A 251 -2.48 6.57 38.11
N GLY A 252 -2.45 7.89 37.91
CA GLY A 252 -1.58 8.76 38.67
C GLY A 252 -0.15 8.81 38.18
N GLU A 253 0.29 7.88 37.34
CA GLU A 253 1.64 7.86 36.80
C GLU A 253 1.74 8.38 35.37
N GLU A 254 0.69 9.04 34.85
CA GLU A 254 0.69 9.51 33.47
C GLU A 254 1.88 10.42 33.18
N GLN A 255 2.31 11.22 34.16
CA GLN A 255 3.37 12.20 33.92
C GLN A 255 4.74 11.56 33.65
N ARG A 256 4.93 10.27 33.92
CA ARG A 256 6.21 9.64 33.61
C ARG A 256 6.35 9.31 32.13
N TYR A 257 5.29 9.44 31.35
CA TYR A 257 5.26 8.96 29.98
C TYR A 257 5.38 10.13 29.01
N THR A 258 6.14 9.91 27.95
CA THR A 258 6.24 10.87 26.86
C THR A 258 6.14 10.13 25.53
N CYS A 259 5.43 10.73 24.60
CA CYS A 259 5.33 10.21 23.25
C CYS A 259 6.22 11.06 22.36
N HIS A 260 7.04 10.41 21.54
CA HIS A 260 8.02 11.08 20.72
C HIS A 260 7.68 10.87 19.26
N VAL A 261 7.52 11.96 18.51
CA VAL A 261 7.08 11.94 17.12
C VAL A 261 8.20 12.47 16.26
N GLN A 262 8.67 11.66 15.32
CA GLN A 262 9.63 12.10 14.31
C GLN A 262 8.98 12.02 12.94
N HIS A 263 9.04 13.12 12.20
CA HIS A 263 8.55 13.17 10.83
C HIS A 263 9.39 14.15 10.04
N GLU A 264 9.61 13.84 8.76
CA GLU A 264 10.44 14.69 7.91
C GLU A 264 9.93 16.12 7.86
N GLY A 265 8.64 16.34 8.11
CA GLY A 265 8.07 17.68 8.16
C GLY A 265 8.21 18.43 9.46
N LEU A 266 8.81 17.84 10.49
CA LEU A 266 9.01 18.51 11.77
C LEU A 266 10.43 19.04 11.84
N PRO A 267 10.63 20.35 12.04
CA PRO A 267 12.01 20.86 12.23
C PRO A 267 12.75 20.09 13.32
N LYS A 268 12.10 19.87 14.46
CA LYS A 268 12.61 19.07 15.55
C LYS A 268 11.56 18.04 15.96
N PRO A 269 11.98 16.87 16.41
CA PRO A 269 11.01 15.88 16.91
C PRO A 269 10.16 16.44 18.05
N LEU A 270 8.93 15.95 18.14
CA LEU A 270 8.00 16.39 19.18
C LEU A 270 8.07 15.49 20.41
N THR A 271 7.92 16.09 21.57
CA THR A 271 7.69 15.38 22.83
C THR A 271 6.35 15.82 23.38
N LEU A 272 5.41 14.88 23.48
CA LEU A 272 4.08 15.15 24.02
C LEU A 272 3.92 14.43 25.35
N ARG A 273 3.24 15.07 26.28
CA ARG A 273 3.00 14.53 27.60
C ARG A 273 1.57 14.85 27.99
N TRP A 274 0.94 13.94 28.74
CA TRP A 274 -0.41 14.19 29.23
C TRP A 274 -0.34 15.12 30.44
N MET B 1 0.19 -22.90 -0.06
CA MET B 1 0.86 -21.63 -0.34
C MET B 1 0.84 -20.72 0.89
N ILE B 2 1.52 -19.59 0.76
CA ILE B 2 1.44 -18.53 1.78
C ILE B 2 0.04 -17.96 1.81
N GLN B 3 -0.51 -17.81 3.02
CA GLN B 3 -1.82 -17.20 3.21
C GLN B 3 -1.74 -16.32 4.44
N ARG B 4 -2.07 -15.05 4.30
CA ARG B 4 -1.90 -14.08 5.38
C ARG B 4 -3.22 -13.40 5.68
N THR B 5 -3.58 -13.37 6.96
CA THR B 5 -4.87 -12.83 7.35
C THR B 5 -4.81 -11.31 7.39
N PRO B 6 -5.89 -10.63 6.99
CA PRO B 6 -5.87 -9.16 6.96
C PRO B 6 -5.77 -8.56 8.35
N LYS B 7 -5.01 -7.49 8.42
CA LYS B 7 -5.10 -6.54 9.51
C LYS B 7 -6.19 -5.56 9.13
N ILE B 8 -7.05 -5.22 10.08
CA ILE B 8 -8.23 -4.41 9.82
C ILE B 8 -8.22 -3.19 10.71
N GLN B 9 -8.43 -2.03 10.12
CA GLN B 9 -8.63 -0.80 10.89
C GLN B 9 -9.88 -0.10 10.38
N VAL B 10 -10.79 0.28 11.27
CA VAL B 10 -11.95 1.06 10.88
C VAL B 10 -11.91 2.38 11.63
N TYR B 11 -12.10 3.48 10.92
CA TYR B 11 -11.82 4.80 11.48
C TYR B 11 -12.39 5.85 10.55
N SER B 12 -12.50 7.06 11.08
CA SER B 12 -12.97 8.18 10.29
C SER B 12 -11.78 9.00 9.83
N ARG B 13 -11.96 9.69 8.70
CA ARG B 13 -10.91 10.54 8.17
C ARG B 13 -10.49 11.60 9.17
N HIS B 14 -11.46 12.22 9.84
CA HIS B 14 -11.27 13.25 10.86
C HIS B 14 -11.88 12.77 12.17
N PRO B 15 -11.41 13.28 13.31
CA PRO B 15 -12.08 12.96 14.59
C PRO B 15 -13.55 13.32 14.51
N ALA B 16 -14.39 12.43 15.03
CA ALA B 16 -15.82 12.50 14.76
C ALA B 16 -16.50 13.58 15.60
N GLU B 17 -17.37 14.34 14.95
CA GLU B 17 -18.29 15.24 15.63
C GLU B 17 -19.67 14.97 15.08
N ASN B 18 -20.61 14.69 15.97
CA ASN B 18 -21.99 14.46 15.55
C ASN B 18 -22.48 15.62 14.69
N GLY B 19 -23.13 15.29 13.58
CA GLY B 19 -23.69 16.28 12.70
C GLY B 19 -22.73 16.87 11.68
N LYS B 20 -21.45 16.54 11.74
CA LYS B 20 -20.47 17.09 10.80
C LYS B 20 -20.06 16.04 9.78
N SER B 21 -20.10 16.41 8.51
CA SER B 21 -19.71 15.52 7.42
C SER B 21 -18.28 15.01 7.62
N ASN B 22 -18.04 13.79 7.15
CA ASN B 22 -16.82 13.05 7.43
C ASN B 22 -16.74 11.91 6.43
N PHE B 23 -15.69 11.11 6.55
CA PHE B 23 -15.58 9.88 5.77
C PHE B 23 -15.31 8.72 6.72
N LEU B 24 -15.91 7.57 6.43
CA LEU B 24 -15.73 6.35 7.18
C LEU B 24 -14.84 5.41 6.39
N ASN B 25 -13.76 4.93 7.01
CA ASN B 25 -12.70 4.18 6.36
C ASN B 25 -12.58 2.78 6.96
N CYS B 26 -12.39 1.79 6.09
CA CYS B 26 -11.96 0.47 6.52
C CYS B 26 -10.72 0.09 5.73
N TYR B 27 -9.59 0.03 6.42
CA TYR B 27 -8.30 -0.23 5.79
C TYR B 27 -7.92 -1.67 6.09
N VAL B 28 -7.79 -2.48 5.05
CA VAL B 28 -7.35 -3.86 5.21
C VAL B 28 -5.95 -3.97 4.63
N SER B 29 -5.04 -4.60 5.37
CA SER B 29 -3.67 -4.67 4.88
C SER B 29 -3.04 -5.99 5.29
N GLY B 30 -1.89 -6.28 4.69
CA GLY B 30 -1.10 -7.43 5.06
C GLY B 30 -1.72 -8.75 4.72
N PHE B 31 -2.65 -8.82 3.75
CA PHE B 31 -3.34 -10.06 3.48
C PHE B 31 -2.89 -10.70 2.17
N HIS B 32 -3.19 -12.00 2.06
CA HIS B 32 -2.91 -12.78 0.87
C HIS B 32 -3.73 -14.06 0.94
N PRO B 33 -4.40 -14.48 -0.16
CA PRO B 33 -4.47 -13.88 -1.49
C PRO B 33 -5.25 -12.58 -1.52
N SER B 34 -5.27 -11.94 -2.69
CA SER B 34 -5.89 -10.64 -2.87
C SER B 34 -7.41 -10.69 -2.90
N ASP B 35 -8.01 -11.86 -3.12
CA ASP B 35 -9.47 -11.95 -3.15
C ASP B 35 -10.03 -11.68 -1.75
N ILE B 36 -10.88 -10.65 -1.64
CA ILE B 36 -11.38 -10.20 -0.35
C ILE B 36 -12.70 -9.47 -0.56
N GLU B 37 -13.58 -9.53 0.44
CA GLU B 37 -14.81 -8.75 0.40
C GLU B 37 -14.87 -7.90 1.66
N VAL B 38 -15.12 -6.60 1.49
CA VAL B 38 -15.12 -5.67 2.59
C VAL B 38 -16.41 -4.85 2.53
N ASP B 39 -17.18 -4.88 3.60
CA ASP B 39 -18.40 -4.11 3.67
C ASP B 39 -18.39 -3.20 4.88
N LEU B 40 -18.93 -2.00 4.69
CA LEU B 40 -19.16 -1.08 5.78
C LEU B 40 -20.60 -1.24 6.23
N LEU B 41 -20.81 -1.37 7.53
CA LEU B 41 -22.11 -1.63 8.11
C LEU B 41 -22.54 -0.43 8.93
N LYS B 42 -23.82 -0.07 8.82
CA LYS B 42 -24.42 0.98 9.64
C LYS B 42 -25.56 0.33 10.41
N ASN B 43 -25.39 0.22 11.72
CA ASN B 43 -26.36 -0.46 12.58
C ASN B 43 -26.62 -1.87 12.04
N GLY B 44 -25.54 -2.57 11.69
CA GLY B 44 -25.63 -3.93 11.24
C GLY B 44 -25.96 -4.14 9.78
N GLU B 45 -26.37 -3.09 9.06
CA GLU B 45 -26.81 -3.22 7.68
C GLU B 45 -25.79 -2.64 6.72
N ARG B 46 -25.57 -3.36 5.61
CA ARG B 46 -24.54 -3.02 4.64
C ARG B 46 -24.84 -1.68 3.97
N ILE B 47 -23.89 -0.75 4.05
CA ILE B 47 -23.99 0.51 3.33
C ILE B 47 -23.75 0.27 1.84
N GLU B 48 -24.61 0.87 1.00
CA GLU B 48 -24.65 0.48 -0.41
C GLU B 48 -23.60 1.21 -1.26
N LYS B 49 -23.26 2.46 -0.94
CA LYS B 49 -22.39 3.23 -1.83
C LYS B 49 -21.00 3.34 -1.19
N VAL B 50 -20.24 2.25 -1.26
CA VAL B 50 -18.88 2.20 -0.71
C VAL B 50 -17.90 2.08 -1.88
N GLU B 51 -16.91 2.95 -1.88
CA GLU B 51 -15.84 2.91 -2.86
C GLU B 51 -14.59 2.29 -2.26
N HIS B 52 -13.66 1.90 -3.13
CA HIS B 52 -12.42 1.31 -2.67
C HIS B 52 -11.27 1.77 -3.57
N SER B 53 -10.07 1.79 -2.99
CA SER B 53 -8.87 2.14 -3.73
C SER B 53 -8.47 1.00 -4.66
N ASP B 54 -7.55 1.30 -5.58
CA ASP B 54 -7.06 0.27 -6.48
C ASP B 54 -6.12 -0.68 -5.73
N LEU B 55 -6.26 -1.97 -6.02
CA LEU B 55 -5.44 -2.99 -5.38
C LEU B 55 -3.96 -2.68 -5.52
N SER B 56 -3.26 -2.66 -4.39
CA SER B 56 -1.83 -2.39 -4.37
C SER B 56 -1.21 -3.31 -3.33
N PHE B 57 0.11 -3.17 -3.14
CA PHE B 57 0.75 -4.05 -2.19
C PHE B 57 2.06 -3.44 -1.71
N SER B 58 2.54 -3.99 -0.58
CA SER B 58 3.64 -3.46 0.20
C SER B 58 4.92 -4.20 -0.16
N LYS B 59 6.01 -3.83 0.52
CA LYS B 59 7.31 -4.38 0.15
C LYS B 59 7.35 -5.89 0.36
N ASP B 60 6.69 -6.39 1.40
CA ASP B 60 6.66 -7.84 1.60
C ASP B 60 5.65 -8.55 0.68
N TRP B 61 5.09 -7.84 -0.30
CA TRP B 61 4.16 -8.36 -1.30
C TRP B 61 2.73 -8.45 -0.78
N SER B 62 2.46 -8.11 0.48
CA SER B 62 1.12 -8.27 0.99
C SER B 62 0.22 -7.15 0.49
N PHE B 63 -1.04 -7.48 0.25
CA PHE B 63 -2.00 -6.54 -0.31
C PHE B 63 -2.57 -5.57 0.73
N TYR B 64 -2.99 -4.39 0.25
CA TYR B 64 -3.77 -3.50 1.08
C TYR B 64 -4.83 -2.82 0.22
N LEU B 65 -5.94 -2.48 0.86
CA LEU B 65 -7.06 -1.83 0.22
C LEU B 65 -7.67 -0.85 1.20
N LEU B 66 -8.16 0.27 0.67
CA LEU B 66 -8.93 1.21 1.45
C LEU B 66 -10.37 1.24 0.92
N TYR B 67 -11.33 0.91 1.78
CA TYR B 67 -12.76 1.11 1.53
C TYR B 67 -13.25 2.33 2.29
N TYR B 68 -14.08 3.13 1.65
CA TYR B 68 -14.47 4.37 2.27
C TYR B 68 -15.84 4.80 1.77
N THR B 69 -16.52 5.61 2.59
CA THR B 69 -17.77 6.24 2.19
C THR B 69 -17.93 7.53 2.99
N GLU B 70 -18.55 8.52 2.37
CA GLU B 70 -18.95 9.71 3.10
C GLU B 70 -20.02 9.34 4.12
N PHE B 71 -19.99 10.01 5.26
CA PHE B 71 -21.05 9.81 6.24
C PHE B 71 -21.05 10.99 7.20
N THR B 72 -22.12 11.08 7.99
CA THR B 72 -22.28 12.11 9.00
C THR B 72 -22.64 11.42 10.31
N PRO B 73 -21.69 11.31 11.23
CA PRO B 73 -21.96 10.57 12.47
C PRO B 73 -23.04 11.26 13.29
N THR B 74 -23.77 10.45 14.04
CA THR B 74 -24.74 10.93 15.01
C THR B 74 -24.54 10.12 16.28
N GLU B 75 -25.19 10.56 17.36
CA GLU B 75 -25.03 9.84 18.62
C GLU B 75 -25.54 8.41 18.49
N LYS B 76 -26.64 8.20 17.78
CA LYS B 76 -27.32 6.91 17.85
C LYS B 76 -26.72 5.85 16.94
N ASP B 77 -26.04 6.23 15.86
CA ASP B 77 -25.63 5.27 14.85
C ASP B 77 -24.32 4.58 15.21
N GLU B 78 -24.27 3.27 15.00
CA GLU B 78 -23.07 2.46 15.19
C GLU B 78 -22.54 2.02 13.82
N TYR B 79 -21.22 1.96 13.69
CA TYR B 79 -20.63 1.58 12.42
C TYR B 79 -19.61 0.46 12.62
N ALA B 80 -19.46 -0.34 11.58
CA ALA B 80 -18.56 -1.48 11.61
C ALA B 80 -18.07 -1.76 10.20
N CYS B 81 -16.99 -2.50 10.14
CA CYS B 81 -16.45 -3.02 8.89
C CYS B 81 -16.54 -4.53 8.96
N ARG B 82 -16.94 -5.16 7.87
CA ARG B 82 -17.08 -6.61 7.85
C ARG B 82 -16.15 -7.14 6.78
N VAL B 83 -15.15 -7.91 7.19
CA VAL B 83 -14.10 -8.34 6.27
C VAL B 83 -14.28 -9.83 6.05
N ASN B 84 -14.36 -10.22 4.78
CA ASN B 84 -14.60 -11.60 4.39
C ASN B 84 -13.40 -12.08 3.57
N HIS B 85 -12.67 -13.06 4.10
CA HIS B 85 -11.40 -13.50 3.51
C HIS B 85 -11.23 -14.98 3.79
N VAL B 86 -10.53 -15.66 2.87
CA VAL B 86 -10.40 -17.11 2.96
C VAL B 86 -9.73 -17.54 4.26
N THR B 87 -8.88 -16.69 4.87
CA THR B 87 -8.22 -17.05 6.11
C THR B 87 -9.12 -16.95 7.34
N LEU B 88 -10.38 -16.52 7.16
CA LEU B 88 -11.28 -16.22 8.27
C LEU B 88 -12.43 -17.22 8.19
N SER B 89 -12.53 -18.09 9.20
CA SER B 89 -13.58 -19.10 9.17
C SER B 89 -14.98 -18.48 9.26
N GLN B 90 -15.10 -17.28 9.81
CA GLN B 90 -16.27 -16.44 9.69
C GLN B 90 -15.80 -15.01 9.46
N PRO B 91 -16.58 -14.20 8.75
CA PRO B 91 -16.17 -12.82 8.48
C PRO B 91 -15.86 -12.04 9.76
N LYS B 92 -14.83 -11.22 9.72
CA LYS B 92 -14.43 -10.47 10.91
C LYS B 92 -15.13 -9.11 10.89
N ILE B 93 -15.81 -8.79 11.99
CA ILE B 93 -16.56 -7.54 12.10
C ILE B 93 -15.88 -6.68 13.18
N VAL B 94 -15.37 -5.54 12.76
CA VAL B 94 -14.65 -4.61 13.63
C VAL B 94 -15.53 -3.38 13.79
N LYS B 95 -15.86 -3.03 15.03
CA LYS B 95 -16.74 -1.90 15.28
C LYS B 95 -15.94 -0.61 15.29
N TRP B 96 -16.55 0.47 14.79
CA TRP B 96 -15.89 1.77 14.79
C TRP B 96 -15.84 2.33 16.20
N ASP B 97 -14.64 2.45 16.75
CA ASP B 97 -14.39 3.17 17.98
C ASP B 97 -13.89 4.55 17.59
N ARG B 98 -14.56 5.59 18.08
CA ARG B 98 -14.17 6.96 17.71
C ARG B 98 -12.72 7.28 18.07
N ASP B 99 -12.13 6.59 19.05
CA ASP B 99 -10.75 6.83 19.44
C ASP B 99 -9.82 5.69 19.02
N MET B 100 -10.06 5.10 17.86
CA MET B 100 -9.09 4.16 17.26
C MET B 100 -9.04 4.29 15.72
N ASN C 1 6.30 6.60 -16.07
CA ASN C 1 6.37 5.89 -17.33
C ASN C 1 6.52 4.40 -17.12
N TYR C 2 5.60 3.64 -17.69
CA TYR C 2 5.65 2.20 -17.63
C TYR C 2 6.86 1.69 -18.44
N ASN C 3 7.26 0.44 -18.19
CA ASN C 3 8.28 -0.20 -19.01
C ASN C 3 7.60 -1.22 -19.93
N TYR C 4 8.31 -1.61 -20.97
CA TYR C 4 7.80 -2.70 -21.80
C TYR C 4 8.17 -4.02 -21.14
N GLN C 5 7.21 -4.91 -20.98
CA GLN C 5 7.48 -6.22 -20.38
C GLN C 5 7.01 -7.30 -21.34
N TYR C 6 7.99 -8.05 -21.87
CA TYR C 6 7.73 -9.14 -22.80
C TYR C 6 8.44 -10.43 -22.43
N ARG C 7 9.34 -10.43 -21.46
CA ARG C 7 10.12 -11.63 -21.18
C ARG C 7 9.28 -12.66 -20.42
N LEU C 8 9.42 -13.92 -20.84
CA LEU C 8 8.71 -15.03 -20.25
C LEU C 8 9.61 -15.76 -19.26
N PHE C 9 9.01 -16.27 -18.19
CA PHE C 9 9.68 -17.10 -17.20
C PHE C 9 10.32 -18.34 -17.82
#